data_7DDM
#
_entry.id   7DDM
#
_cell.length_a   65.519
_cell.length_b   65.519
_cell.length_c   51.421
_cell.angle_alpha   90.000
_cell.angle_beta   90.000
_cell.angle_gamma   120.000
#
_symmetry.space_group_name_H-M   'P 31'
#
loop_
_entity.id
_entity.type
_entity.pdbx_description
1 polymer Beta-lactamase
2 polymer ALA-ALA-ARG-ASP-ALA-ALA-VAL-SER-ASP-ALA-ALA-ALA
3 non-polymer (4S)-2-METHYL-2,4-PENTANEDIOL
4 non-polymer 'ACETATE ION'
5 water water
#
loop_
_entity_poly.entity_id
_entity_poly.type
_entity_poly.pdbx_seq_one_letter_code
_entity_poly.pdbx_strand_id
1 'polypeptide(L)'
;MTHSSQRRILLLAAAAAPLALSVGACAARDAAVSDAASPVGAAPASFAALERAAGGRLGVCAIDTATGRRTLHRADERFP
FCSTFKAMLGAAVLAQSVAHPGLLQQRVTYGRSDLVSYSPVTERHVDTGMTVAELCAATIQYSDSTAANELMKLIGGPAA
VTAYARSIGDDTFRLDRWETELNTALPGDLRDTTTPAAMAASLRVLVLGDALPAAQRAQLIEWLRGNKVGDKRIRAGVPT
GWRVGDKTGTGDYGTTNDAGVLWPPSRAPIVLAVYYTQTRADAKAKDDVIATATRIAIATLG
;
A
2 'polypeptide(L)' AARDAAVSDAAA E
#
# COMPACT_ATOMS: atom_id res chain seq x y z
N PRO A 44 11.40 -18.06 -14.08
CA PRO A 44 9.99 -18.27 -13.70
C PRO A 44 9.02 -17.49 -14.56
N ALA A 45 8.02 -18.20 -15.10
CA ALA A 45 6.96 -17.61 -15.91
C ALA A 45 5.56 -17.93 -15.40
N SER A 46 5.46 -18.62 -14.26
CA SER A 46 4.20 -18.85 -13.54
C SER A 46 4.45 -18.47 -12.10
N PHE A 47 3.37 -18.12 -11.38
CA PHE A 47 3.56 -17.81 -9.97
C PHE A 47 4.09 -19.01 -9.21
N ALA A 48 3.63 -20.21 -9.57
CA ALA A 48 4.14 -21.42 -8.93
C ALA A 48 5.66 -21.53 -9.07
N ALA A 49 6.18 -21.32 -10.29
CA ALA A 49 7.62 -21.42 -10.49
C ALA A 49 8.36 -20.34 -9.72
N LEU A 50 7.79 -19.14 -9.65
CA LEU A 50 8.46 -18.05 -8.94
C LEU A 50 8.52 -18.33 -7.44
N GLU A 51 7.41 -18.79 -6.86
CA GLU A 51 7.41 -19.12 -5.44
C GLU A 51 8.36 -20.27 -5.14
N ARG A 52 8.42 -21.27 -6.04
CA ARG A 52 9.37 -22.36 -5.88
C ARG A 52 10.81 -21.85 -5.89
N ALA A 53 11.14 -21.02 -6.87
CA ALA A 53 12.51 -20.53 -7.00
C ALA A 53 12.92 -19.65 -5.83
N ALA A 54 12.00 -18.82 -5.35
CA ALA A 54 12.31 -17.86 -4.30
C ALA A 54 12.17 -18.42 -2.90
N GLY A 55 11.42 -19.51 -2.74
CA GLY A 55 10.99 -19.96 -1.42
C GLY A 55 9.93 -19.03 -0.86
N GLY A 56 9.32 -19.45 0.24
CA GLY A 56 8.37 -18.58 0.92
C GLY A 56 6.97 -18.67 0.33
N ARG A 57 6.22 -17.58 0.52
CA ARG A 57 4.80 -17.54 0.25
C ARG A 57 4.51 -16.28 -0.56
N LEU A 58 3.99 -16.44 -1.77
CA LEU A 58 3.76 -15.34 -2.71
C LEU A 58 2.26 -15.16 -2.92
N GLY A 59 1.78 -13.93 -2.76
CA GLY A 59 0.38 -13.61 -2.99
C GLY A 59 0.23 -12.56 -4.06
N VAL A 60 -0.61 -12.82 -5.06
CA VAL A 60 -0.80 -11.89 -6.17
C VAL A 60 -2.29 -11.80 -6.50
N CYS A 61 -2.75 -10.57 -6.74
CA CYS A 61 -4.01 -10.36 -7.42
C CYS A 61 -3.80 -9.25 -8.44
N ALA A 62 -4.03 -9.54 -9.72
CA ALA A 62 -3.99 -8.52 -10.76
C ALA A 62 -5.32 -8.54 -11.49
N ILE A 63 -5.88 -7.35 -11.74
CA ILE A 63 -7.18 -7.19 -12.37
C ILE A 63 -6.99 -6.40 -13.65
N ASP A 64 -7.45 -6.96 -14.77
CA ASP A 64 -7.53 -6.21 -16.01
C ASP A 64 -8.86 -5.46 -16.02
N THR A 65 -8.82 -4.14 -15.88
CA THR A 65 -10.06 -3.39 -15.76
C THR A 65 -10.84 -3.27 -17.07
N ALA A 66 -10.26 -3.70 -18.18
CA ALA A 66 -11.02 -3.74 -19.42
C ALA A 66 -12.11 -4.81 -19.36
N THR A 67 -11.85 -5.91 -18.64
CA THR A 67 -12.72 -7.07 -18.67
C THR A 67 -13.12 -7.55 -17.28
N GLY A 68 -12.45 -7.10 -16.22
CA GLY A 68 -12.65 -7.66 -14.91
C GLY A 68 -11.92 -8.96 -14.66
N ARG A 69 -11.22 -9.50 -15.66
CA ARG A 69 -10.48 -10.74 -15.46
C ARG A 69 -9.36 -10.55 -14.46
N ARG A 70 -9.12 -11.57 -13.64
CA ARG A 70 -8.09 -11.56 -12.61
C ARG A 70 -7.13 -12.73 -12.80
N THR A 71 -5.86 -12.48 -12.46
CA THR A 71 -4.89 -13.55 -12.28
C THR A 71 -4.44 -13.52 -10.82
N LEU A 72 -4.35 -14.71 -10.22
CA LEU A 72 -4.32 -14.83 -8.77
C LEU A 72 -3.28 -15.86 -8.35
N HIS A 73 -2.71 -15.64 -7.17
CA HIS A 73 -1.96 -16.67 -6.47
C HIS A 73 -2.12 -16.38 -4.98
N ARG A 74 -2.64 -17.34 -4.23
CA ARG A 74 -2.86 -17.16 -2.79
C ARG A 74 -3.61 -15.86 -2.50
N ALA A 75 -4.56 -15.51 -3.38
CA ALA A 75 -5.10 -14.16 -3.37
C ALA A 75 -6.01 -13.89 -2.19
N ASP A 76 -6.51 -14.94 -1.54
CA ASP A 76 -7.36 -14.79 -0.36
C ASP A 76 -6.63 -15.15 0.93
N GLU A 77 -5.31 -15.34 0.90
CA GLU A 77 -4.54 -15.55 2.12
C GLU A 77 -4.10 -14.20 2.67
N ARG A 78 -4.06 -14.11 4.00
CA ARG A 78 -3.58 -12.90 4.63
C ARG A 78 -2.06 -12.80 4.59
N PHE A 79 -1.56 -11.58 4.43
CA PHE A 79 -0.16 -11.25 4.46
C PHE A 79 0.00 -9.99 5.30
N PRO A 80 1.16 -9.83 5.95
CA PRO A 80 1.47 -8.56 6.64
C PRO A 80 1.72 -7.48 5.59
N PHE A 81 0.84 -6.42 5.64
CA PHE A 81 0.88 -5.45 4.56
C PHE A 81 2.04 -4.47 4.64
N CYS A 82 2.61 -4.29 5.79
CA CYS A 82 3.72 -3.34 6.00
C CYS A 82 3.37 -1.99 5.40
N SER A 83 4.31 -1.31 4.74
CA SER A 83 4.02 0.06 4.34
C SER A 83 2.99 0.19 3.22
N THR A 84 2.52 -0.91 2.62
CA THR A 84 1.47 -0.75 1.61
C THR A 84 0.21 -0.10 2.19
N PHE A 85 0.01 -0.16 3.51
CA PHE A 85 -1.17 0.49 4.08
C PHE A 85 -1.16 1.99 3.90
N LYS A 86 0.01 2.59 3.63
CA LYS A 86 0.08 4.04 3.51
C LYS A 86 -0.73 4.57 2.34
N ALA A 87 -1.04 3.74 1.33
CA ALA A 87 -1.99 4.13 0.30
C ALA A 87 -3.38 4.33 0.90
N MET A 88 -3.81 3.39 1.77
CA MET A 88 -5.10 3.51 2.43
C MET A 88 -5.12 4.72 3.37
N LEU A 89 -4.01 4.97 4.08
CA LEU A 89 -3.92 6.14 4.96
C LEU A 89 -4.02 7.44 4.16
N GLY A 90 -3.29 7.54 3.04
CA GLY A 90 -3.39 8.74 2.23
C GLY A 90 -4.80 8.98 1.74
N ALA A 91 -5.49 7.92 1.31
CA ALA A 91 -6.88 8.05 0.90
C ALA A 91 -7.77 8.50 2.05
N ALA A 92 -7.54 7.97 3.26
CA ALA A 92 -8.34 8.37 4.41
C ALA A 92 -8.17 9.84 4.71
N VAL A 93 -6.94 10.35 4.60
CA VAL A 93 -6.69 11.77 4.81
C VAL A 93 -7.36 12.59 3.72
N LEU A 94 -7.25 12.16 2.46
CA LEU A 94 -7.93 12.86 1.38
C LEU A 94 -9.43 12.92 1.60
N ALA A 95 -10.02 11.82 2.10
CA ALA A 95 -11.45 11.83 2.40
C ALA A 95 -11.77 12.87 3.47
N GLN A 96 -10.92 12.99 4.48
CA GLN A 96 -11.13 14.03 5.50
C GLN A 96 -11.03 15.42 4.89
N SER A 97 -10.20 15.60 3.85
CA SER A 97 -10.08 16.90 3.22
C SER A 97 -11.33 17.28 2.42
N VAL A 98 -12.17 16.31 2.06
CA VAL A 98 -13.45 16.63 1.44
C VAL A 98 -14.39 17.25 2.47
N ALA A 99 -14.47 16.63 3.65
CA ALA A 99 -15.31 17.15 4.72
C ALA A 99 -14.73 18.40 5.36
N HIS A 100 -13.43 18.64 5.21
CA HIS A 100 -12.75 19.77 5.84
C HIS A 100 -11.85 20.42 4.80
N PRO A 101 -12.42 21.21 3.89
CA PRO A 101 -11.62 21.84 2.84
C PRO A 101 -10.48 22.66 3.43
N GLY A 102 -9.33 22.56 2.79
CA GLY A 102 -8.12 23.19 3.28
C GLY A 102 -7.23 22.31 4.11
N LEU A 103 -7.72 21.12 4.50
CA LEU A 103 -6.95 20.26 5.39
C LEU A 103 -5.57 19.96 4.82
N LEU A 104 -5.47 19.74 3.50
CA LEU A 104 -4.19 19.34 2.92
C LEU A 104 -3.14 20.43 3.06
N GLN A 105 -3.56 21.68 3.16
CA GLN A 105 -2.64 22.81 3.27
CA GLN A 105 -2.63 22.79 3.28
C GLN A 105 -2.32 23.17 4.72
N GLN A 106 -2.94 22.49 5.68
CA GLN A 106 -2.66 22.78 7.09
CA GLN A 106 -2.66 22.78 7.09
C GLN A 106 -1.24 22.32 7.45
N ARG A 107 -0.51 23.18 8.15
CA ARG A 107 0.86 22.88 8.56
C ARG A 107 0.84 22.08 9.85
N VAL A 108 1.46 20.91 9.83
CA VAL A 108 1.63 20.07 11.01
C VAL A 108 3.04 20.28 11.53
N THR A 109 3.16 20.60 12.81
CA THR A 109 4.45 20.71 13.46
C THR A 109 4.57 19.61 14.51
N TYR A 110 5.80 19.18 14.76
CA TYR A 110 6.06 18.07 15.66
C TYR A 110 7.47 18.25 16.21
N GLY A 111 7.69 17.71 17.40
CA GLY A 111 9.00 17.76 17.99
C GLY A 111 9.89 16.62 17.53
N ARG A 112 11.20 16.81 17.74
CA ARG A 112 12.16 15.77 17.41
C ARG A 112 11.83 14.46 18.12
N SER A 113 11.28 14.54 19.34
CA SER A 113 10.99 13.32 20.08
C SER A 113 9.82 12.54 19.49
N ASP A 114 9.06 13.10 18.55
CA ASP A 114 8.05 12.31 17.86
C ASP A 114 8.67 11.29 16.90
N LEU A 115 9.90 11.51 16.45
CA LEU A 115 10.46 10.73 15.37
C LEU A 115 10.67 9.28 15.79
N VAL A 116 10.22 8.36 14.95
CA VAL A 116 10.49 6.93 15.09
C VAL A 116 11.44 6.50 13.96
N SER A 117 11.89 5.24 14.07
CA SER A 117 12.82 4.66 13.12
CA SER A 117 12.84 4.69 13.11
C SER A 117 12.36 4.84 11.67
N TYR A 118 13.31 5.12 10.79
CA TYR A 118 13.12 5.30 9.35
C TYR A 118 12.16 6.47 9.08
N SER A 119 12.69 7.67 9.31
CA SER A 119 11.94 8.91 9.08
C SER A 119 12.82 9.88 8.31
N PRO A 120 13.29 9.50 7.12
CA PRO A 120 14.32 10.31 6.45
C PRO A 120 13.84 11.67 6.00
N VAL A 121 12.56 11.83 5.72
CA VAL A 121 12.02 13.13 5.35
C VAL A 121 11.61 13.94 6.58
N THR A 122 10.78 13.36 7.47
CA THR A 122 10.30 14.14 8.61
C THR A 122 11.43 14.58 9.53
N GLU A 123 12.52 13.80 9.63
CA GLU A 123 13.59 14.24 10.51
C GLU A 123 14.27 15.52 10.02
N ARG A 124 14.08 15.89 8.76
CA ARG A 124 14.66 17.10 8.19
C ARG A 124 13.75 18.31 8.35
N HIS A 125 12.55 18.13 8.87
CA HIS A 125 11.53 19.19 8.87
C HIS A 125 10.97 19.46 10.25
N VAL A 126 11.70 19.12 11.31
CA VAL A 126 11.26 19.52 12.64
C VAL A 126 11.07 21.03 12.71
N ASP A 127 12.03 21.79 12.17
CA ASP A 127 11.96 23.25 12.24
C ASP A 127 10.78 23.81 11.46
N THR A 128 10.61 23.34 10.21
CA THR A 128 9.67 23.96 9.28
C THR A 128 8.25 23.47 9.46
N GLY A 129 8.08 22.28 10.04
CA GLY A 129 6.81 21.57 9.92
C GLY A 129 6.64 21.09 8.50
N MET A 130 5.54 20.38 8.27
CA MET A 130 5.21 19.91 6.94
C MET A 130 3.70 20.03 6.80
N THR A 131 3.20 20.38 5.61
CA THR A 131 1.75 20.38 5.43
C THR A 131 1.23 18.95 5.45
N VAL A 132 -0.07 18.81 5.67
CA VAL A 132 -0.70 17.49 5.61
C VAL A 132 -0.39 16.83 4.28
N ALA A 133 -0.48 17.59 3.18
CA ALA A 133 -0.17 17.02 1.87
C ALA A 133 1.27 16.56 1.78
N GLU A 134 2.20 17.36 2.31
CA GLU A 134 3.60 16.96 2.32
C GLU A 134 3.82 15.69 3.13
N LEU A 135 3.14 15.55 4.27
CA LEU A 135 3.24 14.32 5.05
C LEU A 135 2.72 13.11 4.27
N CYS A 136 1.59 13.29 3.57
CA CYS A 136 1.06 12.22 2.73
C CYS A 136 2.07 11.83 1.65
N ALA A 137 2.62 12.83 0.96
CA ALA A 137 3.62 12.53 -0.05
C ALA A 137 4.83 11.83 0.56
N ALA A 138 5.28 12.28 1.72
CA ALA A 138 6.48 11.69 2.31
C ALA A 138 6.22 10.24 2.70
N THR A 139 5.04 9.95 3.26
CA THR A 139 4.85 8.60 3.73
C THR A 139 4.56 7.68 2.54
N ILE A 140 3.89 8.19 1.49
CA ILE A 140 3.60 7.35 0.33
C ILE A 140 4.85 7.13 -0.52
N GLN A 141 5.64 8.19 -0.74
CA GLN A 141 6.70 8.12 -1.74
C GLN A 141 8.02 7.63 -1.16
N TYR A 142 8.19 7.73 0.16
CA TYR A 142 9.42 7.32 0.81
C TYR A 142 9.17 6.33 1.94
N SER A 143 7.93 6.04 2.29
CA SER A 143 7.57 5.17 3.41
CA SER A 143 7.61 5.16 3.41
C SER A 143 7.95 5.79 4.76
N ASP A 144 8.10 7.10 4.82
CA ASP A 144 8.49 7.77 6.06
C ASP A 144 7.57 7.36 7.21
N SER A 145 8.18 6.87 8.29
CA SER A 145 7.39 6.29 9.39
C SER A 145 6.68 7.35 10.22
N THR A 146 7.41 8.38 10.64
CA THR A 146 6.80 9.41 11.47
C THR A 146 5.70 10.13 10.71
N ALA A 147 5.88 10.32 9.40
CA ALA A 147 4.81 10.99 8.66
C ALA A 147 3.49 10.25 8.78
N ALA A 148 3.54 8.91 8.71
CA ALA A 148 2.31 8.13 8.87
C ALA A 148 1.73 8.29 10.27
N ASN A 149 2.58 8.24 11.29
CA ASN A 149 2.08 8.38 12.66
C ASN A 149 1.45 9.76 12.87
N GLU A 150 2.07 10.81 12.34
CA GLU A 150 1.49 12.15 12.49
C GLU A 150 0.13 12.23 11.82
N LEU A 151 0.00 11.64 10.63
CA LEU A 151 -1.28 11.64 9.95
C LEU A 151 -2.32 10.82 10.72
N MET A 152 -1.91 9.67 11.24
CA MET A 152 -2.85 8.89 12.05
C MET A 152 -3.28 9.63 13.31
N LYS A 153 -2.35 10.35 13.95
CA LYS A 153 -2.75 11.15 15.11
C LYS A 153 -3.82 12.16 14.73
N LEU A 154 -3.73 12.74 13.53
CA LEU A 154 -4.69 13.74 13.11
CA LEU A 154 -4.68 13.75 13.09
C LEU A 154 -6.07 13.16 12.89
N ILE A 155 -6.17 11.91 12.42
CA ILE A 155 -7.46 11.35 12.00
C ILE A 155 -8.04 10.34 12.98
N GLY A 156 -7.34 9.97 14.05
CA GLY A 156 -7.94 9.06 15.01
C GLY A 156 -7.25 7.73 15.19
N GLY A 157 -6.00 7.61 14.72
CA GLY A 157 -5.21 6.44 15.00
C GLY A 157 -5.44 5.31 14.03
N PRO A 158 -4.76 4.19 14.29
CA PRO A 158 -4.93 3.00 13.42
C PRO A 158 -6.38 2.60 13.19
N ALA A 159 -7.22 2.71 14.22
CA ALA A 159 -8.62 2.33 14.07
C ALA A 159 -9.32 3.18 13.02
N ALA A 160 -8.92 4.44 12.88
CA ALA A 160 -9.53 5.29 11.86
C ALA A 160 -9.17 4.83 10.45
N VAL A 161 -7.96 4.29 10.26
CA VAL A 161 -7.60 3.79 8.94
C VAL A 161 -8.40 2.54 8.61
N THR A 162 -8.56 1.64 9.58
CA THR A 162 -9.41 0.47 9.38
C THR A 162 -10.85 0.88 9.07
N ALA A 163 -11.38 1.86 9.82
CA ALA A 163 -12.74 2.32 9.55
C ALA A 163 -12.85 2.88 8.14
N TYR A 164 -11.82 3.60 7.69
CA TYR A 164 -11.85 4.10 6.32
C TYR A 164 -11.89 2.96 5.31
N ALA A 165 -11.08 1.92 5.52
CA ALA A 165 -11.14 0.76 4.64
C ALA A 165 -12.55 0.19 4.57
N ARG A 166 -13.22 0.04 5.72
CA ARG A 166 -14.58 -0.47 5.70
C ARG A 166 -15.50 0.42 4.86
N SER A 167 -15.27 1.72 4.91
CA SER A 167 -16.12 2.66 4.19
C SER A 167 -15.99 2.56 2.67
N ILE A 168 -14.90 2.00 2.17
CA ILE A 168 -14.70 1.85 0.73
C ILE A 168 -14.88 0.39 0.28
N GLY A 169 -15.51 -0.44 1.12
CA GLY A 169 -15.85 -1.79 0.73
C GLY A 169 -14.83 -2.84 1.08
N ASP A 170 -13.83 -2.52 1.89
CA ASP A 170 -12.77 -3.46 2.25
C ASP A 170 -13.09 -3.98 3.65
N ASP A 171 -13.54 -5.23 3.72
CA ASP A 171 -13.86 -5.92 4.96
C ASP A 171 -12.77 -6.86 5.40
N THR A 172 -11.58 -6.71 4.85
CA THR A 172 -10.45 -7.60 5.10
C THR A 172 -9.30 -6.88 5.81
N PHE A 173 -8.92 -5.71 5.30
CA PHE A 173 -7.84 -4.91 5.85
C PHE A 173 -8.06 -4.67 7.33
N ARG A 174 -6.99 -4.81 8.12
CA ARG A 174 -7.03 -4.41 9.52
C ARG A 174 -5.69 -3.81 9.91
N LEU A 175 -5.71 -2.56 10.38
CA LEU A 175 -4.54 -1.89 10.90
C LEU A 175 -4.70 -1.84 12.42
N ASP A 176 -3.76 -2.47 13.11
CA ASP A 176 -3.82 -2.66 14.55
C ASP A 176 -2.78 -1.85 15.32
N ARG A 177 -1.64 -1.54 14.72
CA ARG A 177 -0.53 -0.93 15.43
C ARG A 177 -0.02 0.31 14.70
N TRP A 178 0.71 1.14 15.44
CA TRP A 178 1.38 2.32 14.92
C TRP A 178 2.71 1.94 14.28
N GLU A 179 3.27 2.86 13.50
CA GLU A 179 4.65 2.67 13.04
C GLU A 179 5.58 2.77 14.26
N THR A 180 6.58 1.89 14.35
CA THR A 180 7.01 0.96 13.32
C THR A 180 6.69 -0.49 13.70
N GLU A 181 5.86 -0.67 14.73
CA GLU A 181 5.52 -2.01 15.22
C GLU A 181 4.81 -2.86 14.18
N LEU A 182 4.06 -2.24 13.25
CA LEU A 182 3.17 -2.96 12.38
C LEU A 182 3.92 -3.78 11.32
N ASN A 183 5.25 -3.76 11.35
CA ASN A 183 6.06 -4.46 10.36
C ASN A 183 6.68 -5.75 10.89
N THR A 184 6.23 -6.26 12.04
CA THR A 184 6.82 -7.48 12.61
C THR A 184 6.58 -8.70 11.73
N ALA A 185 5.46 -8.75 11.01
CA ALA A 185 5.24 -9.75 9.96
C ALA A 185 5.32 -11.18 10.48
N LEU A 186 4.81 -11.42 11.67
CA LEU A 186 4.91 -12.74 12.29
C LEU A 186 3.99 -13.74 11.61
N PRO A 187 4.46 -14.94 11.32
CA PRO A 187 3.58 -15.98 10.77
C PRO A 187 2.39 -16.23 11.68
N GLY A 188 1.20 -16.34 11.09
CA GLY A 188 -0.01 -16.63 11.81
C GLY A 188 -0.65 -15.44 12.50
N ASP A 189 0.01 -14.29 12.52
CA ASP A 189 -0.50 -13.12 13.22
C ASP A 189 -1.49 -12.38 12.33
N LEU A 190 -2.68 -12.10 12.87
CA LEU A 190 -3.69 -11.35 12.13
C LEU A 190 -3.43 -9.85 12.13
N ARG A 191 -2.62 -9.36 13.07
CA ARG A 191 -2.42 -7.92 13.17
C ARG A 191 -1.84 -7.36 11.88
N ASP A 192 -2.40 -6.23 11.41
CA ASP A 192 -1.79 -5.47 10.32
C ASP A 192 -1.69 -6.32 9.04
N THR A 193 -2.79 -6.96 8.67
CA THR A 193 -2.84 -7.83 7.51
C THR A 193 -3.97 -7.45 6.56
N THR A 194 -3.79 -7.86 5.32
CA THR A 194 -4.86 -7.89 4.33
C THR A 194 -4.59 -9.04 3.37
N THR A 195 -5.43 -9.18 2.36
CA THR A 195 -5.17 -10.16 1.32
C THR A 195 -4.84 -9.46 0.00
N PRO A 196 -4.16 -10.13 -0.92
CA PRO A 196 -3.91 -9.50 -2.23
C PRO A 196 -5.20 -9.09 -2.91
N ALA A 197 -6.23 -9.95 -2.86
CA ALA A 197 -7.49 -9.63 -3.51
C ALA A 197 -8.14 -8.39 -2.91
N ALA A 198 -8.12 -8.27 -1.57
CA ALA A 198 -8.76 -7.10 -0.95
C ALA A 198 -8.01 -5.83 -1.28
N MET A 199 -6.68 -5.86 -1.27
CA MET A 199 -5.95 -4.64 -1.54
C MET A 199 -6.10 -4.21 -3.00
N ALA A 200 -6.13 -5.19 -3.93
CA ALA A 200 -6.38 -4.86 -5.32
C ALA A 200 -7.76 -4.23 -5.50
N ALA A 201 -8.77 -4.79 -4.84
CA ALA A 201 -10.11 -4.21 -4.96
C ALA A 201 -10.15 -2.80 -4.38
N SER A 202 -9.46 -2.58 -3.26
CA SER A 202 -9.45 -1.24 -2.68
C SER A 202 -8.72 -0.25 -3.55
N LEU A 203 -7.55 -0.62 -4.08
CA LEU A 203 -6.85 0.30 -4.97
C LEU A 203 -7.67 0.60 -6.22
N ARG A 204 -8.40 -0.40 -6.73
CA ARG A 204 -9.24 -0.16 -7.90
C ARG A 204 -10.27 0.93 -7.62
N VAL A 205 -10.99 0.83 -6.49
CA VAL A 205 -12.04 1.82 -6.24
C VAL A 205 -11.45 3.19 -5.88
N LEU A 206 -10.27 3.22 -5.25
CA LEU A 206 -9.65 4.48 -4.85
C LEU A 206 -9.02 5.22 -6.03
N VAL A 207 -8.36 4.48 -6.91
CA VAL A 207 -7.57 5.09 -7.98
C VAL A 207 -8.36 5.23 -9.26
N LEU A 208 -9.21 4.24 -9.56
CA LEU A 208 -9.95 4.22 -10.82
C LEU A 208 -11.43 4.44 -10.63
N GLY A 209 -11.97 4.11 -9.47
CA GLY A 209 -13.36 4.35 -9.15
C GLY A 209 -13.57 5.70 -8.49
N ASP A 210 -14.71 5.82 -7.82
CA ASP A 210 -15.14 7.10 -7.28
C ASP A 210 -15.24 7.13 -5.75
N ALA A 211 -14.44 6.30 -5.07
CA ALA A 211 -14.40 6.39 -3.61
C ALA A 211 -14.03 7.80 -3.17
N LEU A 212 -13.17 8.49 -3.93
CA LEU A 212 -12.83 9.88 -3.68
C LEU A 212 -13.35 10.74 -4.82
N PRO A 213 -13.64 12.02 -4.57
CA PRO A 213 -13.96 12.93 -5.68
C PRO A 213 -12.75 13.10 -6.59
N ALA A 214 -13.02 13.61 -7.78
CA ALA A 214 -12.00 13.66 -8.85
C ALA A 214 -10.73 14.38 -8.40
N ALA A 215 -10.85 15.52 -7.72
CA ALA A 215 -9.65 16.27 -7.35
C ALA A 215 -8.79 15.49 -6.36
N GLN A 216 -9.43 14.91 -5.33
CA GLN A 216 -8.69 14.11 -4.37
C GLN A 216 -8.11 12.85 -5.01
N ARG A 217 -8.87 12.23 -5.93
CA ARG A 217 -8.39 11.06 -6.63
CA ARG A 217 -8.37 11.05 -6.62
C ARG A 217 -7.13 11.38 -7.44
N ALA A 218 -7.14 12.51 -8.14
CA ALA A 218 -5.97 12.93 -8.90
C ALA A 218 -4.76 13.13 -7.97
N GLN A 219 -5.00 13.67 -6.78
CA GLN A 219 -3.91 13.86 -5.83
C GLN A 219 -3.35 12.53 -5.34
N LEU A 220 -4.23 11.56 -5.06
CA LEU A 220 -3.75 10.25 -4.66
C LEU A 220 -2.91 9.62 -5.76
N ILE A 221 -3.39 9.72 -7.01
CA ILE A 221 -2.66 9.17 -8.14
C ILE A 221 -1.28 9.79 -8.25
N GLU A 222 -1.17 11.11 -8.09
CA GLU A 222 0.14 11.74 -8.23
C GLU A 222 1.08 11.33 -7.10
N TRP A 223 0.56 11.20 -5.88
CA TRP A 223 1.41 10.71 -4.80
C TRP A 223 1.94 9.31 -5.13
N LEU A 224 1.05 8.42 -5.59
CA LEU A 224 1.47 7.07 -5.95
C LEU A 224 2.43 7.08 -7.12
N ARG A 225 2.20 7.97 -8.10
CA ARG A 225 3.07 8.02 -9.27
C ARG A 225 4.50 8.38 -8.88
N GLY A 226 4.67 9.30 -7.94
CA GLY A 226 5.96 9.79 -7.53
C GLY A 226 6.69 8.94 -6.51
N ASN A 227 6.26 7.71 -6.28
CA ASN A 227 7.00 6.78 -5.42
C ASN A 227 8.48 6.77 -5.81
N LYS A 228 9.34 6.89 -4.81
CA LYS A 228 10.79 6.93 -5.00
C LYS A 228 11.51 5.69 -4.49
N VAL A 229 10.80 4.79 -3.83
CA VAL A 229 11.45 3.65 -3.19
C VAL A 229 10.97 2.32 -3.79
N GLY A 230 10.38 2.36 -4.98
CA GLY A 230 9.91 1.13 -5.62
C GLY A 230 10.54 0.82 -6.96
N ASP A 231 11.71 1.40 -7.27
CA ASP A 231 12.29 1.24 -8.61
C ASP A 231 12.52 -0.23 -8.97
N LYS A 232 12.85 -1.07 -8.00
CA LYS A 232 13.21 -2.45 -8.28
C LYS A 232 12.03 -3.41 -8.16
N ARG A 233 10.82 -2.92 -7.91
CA ARG A 233 9.68 -3.79 -7.68
C ARG A 233 8.71 -3.72 -8.87
N ILE A 234 7.45 -3.30 -8.67
CA ILE A 234 6.50 -3.26 -9.78
C ILE A 234 7.07 -2.48 -10.97
N ARG A 235 7.70 -1.34 -10.71
CA ARG A 235 8.21 -0.49 -11.79
C ARG A 235 9.24 -1.19 -12.65
N ALA A 236 9.95 -2.17 -12.10
CA ALA A 236 10.93 -2.93 -12.85
C ALA A 236 10.30 -4.02 -13.71
N GLY A 237 8.99 -4.19 -13.64
CA GLY A 237 8.34 -5.27 -14.36
C GLY A 237 7.31 -4.84 -15.39
N VAL A 238 7.24 -3.55 -15.71
CA VAL A 238 6.24 -3.07 -16.67
C VAL A 238 6.87 -2.74 -18.02
N PRO A 239 6.10 -2.79 -19.12
CA PRO A 239 6.67 -2.43 -20.42
C PRO A 239 6.94 -0.94 -20.54
N THR A 240 7.81 -0.60 -21.48
CA THR A 240 8.13 0.79 -21.81
CA THR A 240 8.12 0.79 -21.73
C THR A 240 6.85 1.55 -22.11
N GLY A 241 6.76 2.78 -21.60
CA GLY A 241 5.62 3.61 -21.86
C GLY A 241 4.48 3.45 -20.90
N TRP A 242 4.45 2.36 -20.12
CA TRP A 242 3.40 2.21 -19.13
C TRP A 242 3.69 3.13 -17.94
N ARG A 243 2.64 3.78 -17.45
CA ARG A 243 2.76 4.62 -16.28
C ARG A 243 2.36 3.81 -15.05
N VAL A 244 2.95 4.14 -13.90
CA VAL A 244 2.77 3.38 -12.66
C VAL A 244 2.52 4.33 -11.50
N GLY A 245 1.56 3.99 -10.66
CA GLY A 245 1.48 4.54 -9.32
C GLY A 245 1.43 3.39 -8.34
N ASP A 246 2.21 3.41 -7.26
CA ASP A 246 2.26 2.24 -6.39
C ASP A 246 2.76 2.63 -5.00
N LYS A 247 2.59 1.69 -4.08
CA LYS A 247 3.09 1.81 -2.72
C LYS A 247 3.73 0.49 -2.32
N THR A 248 5.01 0.54 -1.93
CA THR A 248 5.78 -0.62 -1.49
C THR A 248 5.64 -0.83 0.03
N GLY A 249 6.04 -2.00 0.49
CA GLY A 249 6.22 -2.25 1.91
C GLY A 249 7.24 -3.35 2.12
N THR A 250 7.92 -3.28 3.27
CA THR A 250 8.96 -4.23 3.64
C THR A 250 8.87 -4.50 5.14
N GLY A 251 9.16 -5.73 5.55
CA GLY A 251 9.12 -6.07 6.96
C GLY A 251 10.01 -7.24 7.30
N ASP A 252 9.93 -7.68 8.55
CA ASP A 252 10.64 -8.88 8.98
C ASP A 252 10.10 -10.09 8.21
N TYR A 253 10.72 -11.26 8.44
CA TYR A 253 10.44 -12.45 7.64
C TYR A 253 10.63 -12.18 6.14
N GLY A 254 11.55 -11.25 5.83
CA GLY A 254 11.86 -10.95 4.44
C GLY A 254 10.64 -10.50 3.65
N THR A 255 9.71 -9.82 4.32
CA THR A 255 8.44 -9.48 3.69
C THR A 255 8.67 -8.37 2.68
N THR A 256 8.20 -8.60 1.46
CA THR A 256 8.46 -7.76 0.31
C THR A 256 7.14 -7.55 -0.43
N ASN A 257 6.61 -6.33 -0.43
CA ASN A 257 5.28 -6.06 -0.95
C ASN A 257 5.28 -4.88 -1.90
N ASP A 258 4.28 -4.84 -2.77
CA ASP A 258 4.06 -3.67 -3.62
C ASP A 258 2.67 -3.76 -4.20
N ALA A 259 1.91 -2.66 -4.16
CA ALA A 259 0.58 -2.66 -4.74
C ALA A 259 0.37 -1.35 -5.49
N GLY A 260 -0.27 -1.43 -6.65
CA GLY A 260 -0.48 -0.20 -7.40
C GLY A 260 -1.31 -0.42 -8.64
N VAL A 261 -1.26 0.58 -9.52
CA VAL A 261 -2.06 0.63 -10.73
C VAL A 261 -1.12 0.95 -11.88
N LEU A 262 -1.35 0.27 -13.01
CA LEU A 262 -0.51 0.35 -14.19
C LEU A 262 -1.38 0.85 -15.33
N TRP A 263 -0.89 1.88 -16.03
CA TRP A 263 -1.62 2.45 -17.16
C TRP A 263 -0.89 2.18 -18.46
N PRO A 264 -1.31 1.20 -19.25
CA PRO A 264 -0.77 1.06 -20.61
C PRO A 264 -1.17 2.26 -21.46
N PRO A 265 -0.44 2.55 -22.53
CA PRO A 265 -0.80 3.71 -23.36
C PRO A 265 -2.11 3.52 -24.12
N SER A 266 -2.43 2.29 -24.52
CA SER A 266 -3.53 2.03 -25.43
C SER A 266 -4.56 1.06 -24.87
N ARG A 267 -4.41 0.66 -23.61
CA ARG A 267 -5.27 -0.35 -22.97
C ARG A 267 -5.79 0.20 -21.65
N ALA A 268 -6.88 -0.40 -21.16
CA ALA A 268 -7.39 -0.07 -19.85
C ALA A 268 -6.36 -0.43 -18.78
N PRO A 269 -6.37 0.27 -17.64
CA PRO A 269 -5.38 0.00 -16.60
C PRO A 269 -5.53 -1.37 -15.95
N ILE A 270 -4.42 -1.80 -15.35
CA ILE A 270 -4.33 -3.05 -14.60
C ILE A 270 -4.06 -2.67 -13.14
N VAL A 271 -4.81 -3.28 -12.22
CA VAL A 271 -4.55 -3.11 -10.79
C VAL A 271 -3.78 -4.33 -10.31
N LEU A 272 -2.73 -4.11 -9.51
CA LEU A 272 -1.83 -5.18 -9.15
C LEU A 272 -1.45 -5.07 -7.68
N ALA A 273 -1.65 -6.16 -6.93
CA ALA A 273 -1.21 -6.25 -5.55
C ALA A 273 -0.33 -7.49 -5.39
N VAL A 274 0.90 -7.29 -4.89
CA VAL A 274 1.84 -8.38 -4.68
C VAL A 274 2.32 -8.35 -3.24
N TYR A 275 2.19 -9.48 -2.55
CA TYR A 275 2.65 -9.66 -1.19
C TYR A 275 3.55 -10.88 -1.16
N TYR A 276 4.65 -10.81 -0.41
CA TYR A 276 5.60 -11.91 -0.38
C TYR A 276 6.23 -11.96 1.00
N THR A 277 6.30 -13.16 1.58
CA THR A 277 6.90 -13.32 2.90
C THR A 277 7.58 -14.69 2.97
N GLN A 278 8.49 -14.83 3.94
CA GLN A 278 9.42 -15.96 3.95
C GLN A 278 9.41 -16.67 5.29
N THR A 279 10.08 -17.83 5.34
CA THR A 279 9.98 -18.71 6.51
C THR A 279 10.78 -18.18 7.70
N ARG A 280 11.99 -17.70 7.47
CA ARG A 280 12.88 -17.29 8.56
C ARG A 280 12.68 -15.82 8.88
N ALA A 281 12.69 -15.50 10.18
CA ALA A 281 12.53 -14.12 10.61
C ALA A 281 13.61 -13.23 9.99
N ASP A 282 14.81 -13.77 9.77
CA ASP A 282 15.95 -13.02 9.27
C ASP A 282 16.06 -13.01 7.75
N ALA A 283 15.05 -13.48 7.03
CA ALA A 283 15.15 -13.51 5.58
C ALA A 283 15.30 -12.10 5.03
N LYS A 284 15.99 -11.99 3.89
CA LYS A 284 16.18 -10.71 3.23
C LYS A 284 15.06 -10.46 2.24
N ALA A 285 14.66 -9.20 2.12
CA ALA A 285 13.66 -8.83 1.11
C ALA A 285 14.17 -9.15 -0.29
N LYS A 286 13.24 -9.50 -1.18
CA LYS A 286 13.58 -9.91 -2.56
C LYS A 286 12.82 -9.04 -3.55
N ASP A 287 13.41 -7.87 -3.87
CA ASP A 287 12.79 -6.96 -4.84
C ASP A 287 12.45 -7.67 -6.15
N ASP A 288 13.37 -8.51 -6.63
CA ASP A 288 13.20 -9.10 -7.95
C ASP A 288 12.02 -10.06 -8.00
N VAL A 289 11.62 -10.62 -6.86
CA VAL A 289 10.40 -11.42 -6.83
C VAL A 289 9.20 -10.58 -7.24
N ILE A 290 9.14 -9.33 -6.77
CA ILE A 290 8.02 -8.47 -7.14
C ILE A 290 8.07 -8.12 -8.62
N ALA A 291 9.26 -7.76 -9.12
CA ALA A 291 9.40 -7.44 -10.54
C ALA A 291 8.95 -8.61 -11.41
N THR A 292 9.38 -9.82 -11.07
CA THR A 292 9.01 -10.99 -11.86
C THR A 292 7.52 -11.30 -11.73
N ALA A 293 6.97 -11.19 -10.51
CA ALA A 293 5.54 -11.41 -10.36
C ALA A 293 4.74 -10.43 -11.22
N THR A 294 5.21 -9.18 -11.29
CA THR A 294 4.57 -8.17 -12.14
C THR A 294 4.58 -8.60 -13.60
N ARG A 295 5.73 -9.08 -14.08
CA ARG A 295 5.82 -9.53 -15.48
C ARG A 295 4.90 -10.71 -15.74
N ILE A 296 4.84 -11.65 -14.81
CA ILE A 296 3.98 -12.82 -14.97
C ILE A 296 2.51 -12.39 -15.01
N ALA A 297 2.11 -11.49 -14.11
CA ALA A 297 0.74 -11.01 -14.08
C ALA A 297 0.37 -10.36 -15.41
N ILE A 298 1.22 -9.48 -15.92
CA ILE A 298 0.94 -8.80 -17.18
C ILE A 298 0.87 -9.79 -18.33
N ALA A 299 1.80 -10.74 -18.38
CA ALA A 299 1.80 -11.73 -19.46
C ALA A 299 0.53 -12.57 -19.43
N THR A 300 0.07 -12.94 -18.23
CA THR A 300 -1.12 -13.78 -18.12
CA THR A 300 -1.12 -13.78 -18.15
C THR A 300 -2.38 -13.02 -18.53
N LEU A 301 -2.44 -11.72 -18.26
CA LEU A 301 -3.62 -10.96 -18.62
C LEU A 301 -3.61 -10.51 -20.08
N GLY A 302 -2.44 -10.42 -20.70
CA GLY A 302 -2.28 -9.78 -22.02
C GLY A 302 -3.08 -10.42 -23.15
N ALA B 1 -18.24 -13.87 3.83
CA ALA B 1 -19.31 -14.22 4.77
C ALA B 1 -19.29 -13.29 5.96
N ALA B 2 -20.29 -13.42 6.84
CA ALA B 2 -20.33 -12.59 8.04
C ALA B 2 -19.20 -12.93 8.99
N ARG B 3 -18.74 -14.18 9.00
CA ARG B 3 -17.61 -14.55 9.86
C ARG B 3 -16.32 -13.94 9.35
N ASP B 4 -16.13 -13.89 8.03
CA ASP B 4 -14.92 -13.29 7.46
C ASP B 4 -14.76 -11.84 7.92
N ALA B 5 -15.85 -11.06 7.79
CA ALA B 5 -15.82 -9.68 8.26
C ALA B 5 -15.58 -9.61 9.77
N ALA B 6 -16.15 -10.55 10.52
CA ALA B 6 -15.97 -10.55 11.96
C ALA B 6 -14.52 -10.78 12.35
N VAL B 7 -13.84 -11.69 11.66
CA VAL B 7 -12.44 -11.96 11.95
C VAL B 7 -11.59 -10.71 11.72
N SER B 8 -11.88 -9.96 10.65
CA SER B 8 -11.12 -8.75 10.37
C SER B 8 -11.29 -7.70 11.47
N ASP B 9 -12.42 -7.73 12.16
CA ASP B 9 -12.75 -6.75 13.19
C ASP B 9 -12.42 -7.20 14.60
N ALA B 10 -12.06 -8.47 14.79
CA ALA B 10 -11.90 -9.01 16.13
C ALA B 10 -10.56 -8.60 16.73
N ALA B 11 -10.57 -8.42 18.05
CA ALA B 11 -9.33 -8.12 18.77
C ALA B 11 -8.42 -9.34 18.78
N ALA B 12 -7.12 -9.09 18.76
CA ALA B 12 -6.13 -10.16 18.71
C ALA B 12 -5.80 -10.69 20.11
#